data_6BSE
#
_entry.id   6BSE
#
_cell.length_a   39.447
_cell.length_b   95.172
_cell.length_c   104.719
_cell.angle_alpha   90.00
_cell.angle_beta   90.00
_cell.angle_gamma   90.00
#
_symmetry.space_group_name_H-M   'P 21 21 21'
#
loop_
_entity.id
_entity.type
_entity.pdbx_description
1 polymer 'Glucocorticoid receptor'
2 polymer "DNA (5'-D(P*TP*AP*AP*AP*AP*AP*GP*TP*AP*CP*AP*CP*GP*TP*GP*G)-3')"
3 polymer "DNA (5'-D(P*AP*CP*CP*AP*CP*GP*TP*GP*TP*AP*CP*TP*TP*TP*TP*T)-3')"
4 non-polymer 'ZINC ION'
5 water water
#
loop_
_entity_poly.entity_id
_entity_poly.type
_entity_poly.pdbx_seq_one_letter_code
_entity_poly.pdbx_strand_id
1 'polypeptide(L)'
;GSHMKLCLVCSDEASGCHYGVLTCGSCKVFFKRAVEGQHNYLCAGRNDCIIDKIRRKNCPACRYRKCLQAGMNLEARKTK
KKIKGIQQATT
;
A,B
2 'polydeoxyribonucleotide' (DT)(DA)(DA)(DA)(DA)(DA)(DG)(DT)(DA)(DC)(DA)(DC)(DG)(DT)(DG)(DG) C
3 'polydeoxyribonucleotide' (DA)(DC)(DC)(DA)(DC)(DG)(DT)(DG)(DT)(DA)(DC)(DT)(DT)(DT)(DT)(DT) D
#
loop_
_chem_comp.id
_chem_comp.type
_chem_comp.name
_chem_comp.formula
DA DNA linking 2'-DEOXYADENOSINE-5'-MONOPHOSPHATE 'C10 H14 N5 O6 P'
DC DNA linking 2'-DEOXYCYTIDINE-5'-MONOPHOSPHATE 'C9 H14 N3 O7 P'
DG DNA linking 2'-DEOXYGUANOSINE-5'-MONOPHOSPHATE 'C10 H14 N5 O7 P'
DT DNA linking THYMIDINE-5'-MONOPHOSPHATE 'C10 H15 N2 O8 P'
ZN non-polymer 'ZINC ION' 'Zn 2'
#
# COMPACT_ATOMS: atom_id res chain seq x y z
N HIS A 3 -17.81 -24.90 -7.08
CA HIS A 3 -18.15 -23.49 -6.98
C HIS A 3 -17.91 -23.02 -5.54
N MET A 4 -16.90 -22.15 -5.35
CA MET A 4 -16.37 -21.85 -4.02
C MET A 4 -16.78 -20.46 -3.55
N LYS A 5 -16.80 -20.29 -2.23
CA LYS A 5 -17.28 -19.06 -1.60
C LYS A 5 -16.26 -17.94 -1.71
N LEU A 6 -16.73 -16.73 -2.02
CA LEU A 6 -15.84 -15.58 -2.20
C LEU A 6 -15.97 -14.56 -1.10
N CYS A 7 -14.82 -14.09 -0.61
CA CYS A 7 -14.74 -12.96 0.33
C CYS A 7 -15.37 -11.69 -0.22
N LEU A 8 -16.36 -11.15 0.48
CA LEU A 8 -17.02 -9.96 -0.02
C LEU A 8 -16.13 -8.71 0.06
N VAL A 9 -14.99 -8.77 0.72
CA VAL A 9 -14.14 -7.60 0.83
C VAL A 9 -13.08 -7.62 -0.29
N CYS A 10 -12.50 -8.81 -0.54
CA CYS A 10 -11.38 -8.93 -1.47
C CYS A 10 -11.47 -10.05 -2.51
N SER A 11 -12.53 -10.85 -2.54
CA SER A 11 -12.76 -11.90 -3.55
C SER A 11 -11.80 -13.08 -3.50
N ASP A 12 -10.87 -13.13 -2.55
CA ASP A 12 -10.25 -14.39 -2.16
C ASP A 12 -11.33 -15.39 -1.72
N GLU A 13 -10.94 -16.64 -1.63
CA GLU A 13 -11.87 -17.67 -1.19
C GLU A 13 -12.20 -17.47 0.29
N ALA A 14 -13.47 -17.30 0.62
CA ALA A 14 -13.83 -17.10 2.01
C ALA A 14 -13.60 -18.39 2.80
N SER A 15 -13.58 -18.25 4.12
CA SER A 15 -13.54 -19.41 4.99
C SER A 15 -14.78 -19.56 5.84
N GLY A 16 -15.65 -18.57 5.84
CA GLY A 16 -16.73 -18.50 6.80
C GLY A 16 -17.25 -17.09 6.95
N CYS A 17 -18.27 -17.00 7.76
CA CYS A 17 -18.93 -15.72 8.01
C CYS A 17 -18.30 -15.16 9.29
N HIS A 18 -17.57 -14.02 9.15
CA HIS A 18 -16.78 -13.43 10.23
C HIS A 18 -17.27 -12.01 10.49
N TYR A 19 -17.59 -11.71 11.75
CA TYR A 19 -18.04 -10.38 12.15
C TYR A 19 -19.20 -9.92 11.26
N GLY A 20 -20.05 -10.85 10.91
CA GLY A 20 -21.27 -10.55 10.21
C GLY A 20 -21.22 -10.74 8.71
N VAL A 21 -20.05 -11.01 8.15
CA VAL A 21 -19.85 -10.97 6.71
C VAL A 21 -19.01 -12.14 6.22
N LEU A 22 -19.38 -12.68 5.07
CA LEU A 22 -18.63 -13.73 4.38
C LEU A 22 -17.26 -13.21 3.93
N THR A 23 -16.19 -13.69 4.57
CA THR A 23 -14.84 -13.18 4.32
C THR A 23 -13.80 -14.30 4.33
N CYS A 24 -12.61 -14.00 3.76
CA CYS A 24 -11.44 -14.85 3.90
C CYS A 24 -10.85 -14.70 5.31
N GLY A 25 -10.02 -15.66 5.72
CA GLY A 25 -9.35 -15.54 7.01
C GLY A 25 -8.56 -14.24 7.13
N SER A 26 -7.92 -13.80 6.04
CA SER A 26 -7.05 -12.64 6.14
C SER A 26 -7.86 -11.39 6.43
N CYS A 27 -9.03 -11.26 5.83
CA CYS A 27 -9.83 -10.08 6.12
C CYS A 27 -10.49 -10.18 7.49
N LYS A 28 -10.77 -11.39 7.98
CA LYS A 28 -11.28 -11.52 9.35
C LYS A 28 -10.33 -10.88 10.35
N VAL A 29 -9.06 -11.29 10.30
CA VAL A 29 -8.12 -10.75 11.28
C VAL A 29 -7.68 -9.34 10.94
N PHE A 30 -7.77 -8.92 9.68
CA PHE A 30 -7.45 -7.53 9.36
C PHE A 30 -8.46 -6.59 9.99
N PHE A 31 -9.74 -6.94 9.89
CA PHE A 31 -10.77 -6.09 10.48
C PHE A 31 -10.65 -6.04 11.99
N LYS A 32 -10.51 -7.18 12.63
CA LYS A 32 -10.35 -7.14 14.07
C LYS A 32 -9.21 -6.19 14.46
N ARG A 33 -8.06 -6.32 13.80
CA ARG A 33 -6.92 -5.48 14.15
C ARG A 33 -7.22 -4.01 13.93
N ALA A 34 -7.95 -3.70 12.87
CA ALA A 34 -8.22 -2.30 12.55
C ALA A 34 -9.19 -1.69 13.54
N VAL A 35 -10.19 -2.46 13.99
CA VAL A 35 -11.19 -1.92 14.90
C VAL A 35 -10.61 -1.73 16.30
N GLU A 36 -9.69 -2.61 16.71
CA GLU A 36 -9.23 -2.61 18.09
C GLU A 36 -7.97 -1.78 18.28
N GLY A 37 -7.15 -1.68 17.24
CA GLY A 37 -6.04 -0.76 17.26
C GLY A 37 -6.40 0.57 16.65
N GLN A 38 -5.60 1.57 17.00
CA GLN A 38 -5.76 2.93 16.49
C GLN A 38 -4.71 3.14 15.41
N HIS A 39 -5.15 3.15 14.15
CA HIS A 39 -4.23 3.09 13.02
C HIS A 39 -4.49 4.28 12.10
N ASN A 40 -3.41 4.95 11.70
CA ASN A 40 -3.50 6.11 10.80
C ASN A 40 -3.41 5.63 9.37
N TYR A 41 -4.57 5.25 8.80
CA TYR A 41 -4.65 4.76 7.43
C TYR A 41 -5.00 5.92 6.50
N LEU A 42 -4.18 6.10 5.49
CA LEU A 42 -4.41 7.08 4.44
C LEU A 42 -4.36 6.37 3.11
N CYS A 43 -5.23 6.76 2.19
CA CYS A 43 -5.20 6.26 0.83
C CYS A 43 -4.33 7.18 -0.02
N ALA A 44 -3.49 6.59 -0.83
CA ALA A 44 -2.58 7.30 -1.71
C ALA A 44 -3.21 7.52 -3.10
N GLY A 45 -4.42 7.02 -3.28
CA GLY A 45 -5.09 7.07 -4.55
C GLY A 45 -6.24 8.00 -4.36
N ARG A 46 -7.43 7.54 -4.76
CA ARG A 46 -8.67 8.29 -4.65
C ARG A 46 -9.70 7.56 -3.82
N ASN A 47 -9.26 6.79 -2.84
CA ASN A 47 -10.20 6.08 -1.96
C ASN A 47 -11.07 5.10 -2.73
N ASP A 48 -10.56 4.57 -3.85
CA ASP A 48 -11.25 3.53 -4.60
C ASP A 48 -10.26 2.54 -5.16
N CYS A 49 -9.25 2.23 -4.38
CA CYS A 49 -8.24 1.29 -4.79
C CYS A 49 -8.84 -0.10 -4.96
N ILE A 50 -8.20 -0.88 -5.82
CA ILE A 50 -8.65 -2.25 -6.08
C ILE A 50 -8.19 -3.14 -4.93
N ILE A 51 -9.12 -3.77 -4.26
CA ILE A 51 -8.83 -4.65 -3.15
C ILE A 51 -9.12 -6.06 -3.63
N ASP A 52 -8.09 -6.78 -4.08
CA ASP A 52 -8.14 -8.21 -4.39
C ASP A 52 -7.00 -8.89 -3.66
N LYS A 53 -6.86 -10.20 -3.89
CA LYS A 53 -5.87 -10.97 -3.14
C LYS A 53 -4.46 -10.43 -3.37
N ILE A 54 -4.23 -9.82 -4.52
CA ILE A 54 -2.90 -9.39 -4.93
C ILE A 54 -2.58 -8.00 -4.41
N ARG A 55 -3.60 -7.19 -4.19
CA ARG A 55 -3.44 -5.78 -3.96
C ARG A 55 -4.01 -5.34 -2.62
N ARG A 56 -4.49 -6.27 -1.79
CA ARG A 56 -5.18 -5.84 -0.59
C ARG A 56 -4.21 -5.23 0.42
N LYS A 57 -2.94 -5.61 0.35
CA LYS A 57 -1.90 -5.06 1.21
C LYS A 57 -1.57 -3.62 0.88
N ASN A 58 -1.82 -3.19 -0.36
CA ASN A 58 -1.40 -1.86 -0.75
C ASN A 58 -2.15 -0.77 0.03
N CYS A 59 -3.45 -0.87 0.26
CA CYS A 59 -4.22 0.24 0.83
C CYS A 59 -5.11 -0.25 1.94
N PRO A 60 -4.57 -0.37 3.15
CA PRO A 60 -5.42 -0.61 4.33
C PRO A 60 -6.58 0.31 4.47
N ALA A 61 -6.44 1.57 4.08
CA ALA A 61 -7.54 2.50 4.30
C ALA A 61 -8.74 2.07 3.47
N CYS A 62 -8.50 1.73 2.21
CA CYS A 62 -9.59 1.29 1.34
C CYS A 62 -10.10 -0.08 1.79
N ARG A 63 -9.23 -0.95 2.23
CA ARG A 63 -9.64 -2.27 2.65
C ARG A 63 -10.56 -2.17 3.84
N TYR A 64 -10.23 -1.30 4.78
CA TYR A 64 -11.06 -1.12 5.97
C TYR A 64 -12.40 -0.52 5.58
N ARG A 65 -12.38 0.51 4.73
CA ARG A 65 -13.63 1.08 4.25
C ARG A 65 -14.53 0.03 3.64
N LYS A 66 -13.98 -0.87 2.83
CA LYS A 66 -14.79 -1.93 2.22
C LYS A 66 -15.30 -2.90 3.29
N CYS A 67 -14.49 -3.18 4.32
CA CYS A 67 -14.97 -4.03 5.40
C CYS A 67 -16.21 -3.41 5.99
N LEU A 68 -16.14 -2.11 6.27
CA LEU A 68 -17.24 -1.43 6.89
C LEU A 68 -18.44 -1.42 5.97
N GLN A 69 -18.23 -1.04 4.72
CA GLN A 69 -19.34 -0.95 3.81
C GLN A 69 -20.01 -2.30 3.70
N ALA A 70 -19.25 -3.36 3.91
CA ALA A 70 -19.86 -4.66 3.73
C ALA A 70 -20.60 -5.09 4.96
N GLY A 71 -20.45 -4.35 6.05
CA GLY A 71 -21.22 -4.56 7.25
C GLY A 71 -20.46 -5.17 8.38
N MET A 72 -19.16 -5.39 8.26
CA MET A 72 -18.46 -6.05 9.34
C MET A 72 -18.65 -5.25 10.62
N ASN A 73 -18.89 -5.96 11.72
CA ASN A 73 -19.03 -5.28 12.98
C ASN A 73 -18.64 -6.25 14.07
N LEU A 74 -18.04 -5.71 15.10
CA LEU A 74 -17.40 -6.54 16.11
C LEU A 74 -18.40 -7.12 17.09
N GLU A 75 -19.68 -6.83 16.93
CA GLU A 75 -20.68 -7.39 17.82
C GLU A 75 -21.94 -7.71 17.02
N LYS B 5 15.85 20.78 4.14
CA LYS B 5 16.01 20.06 2.87
C LYS B 5 15.13 18.81 2.80
N LEU B 6 14.55 18.55 1.62
CA LEU B 6 13.43 17.63 1.47
C LEU B 6 13.68 16.60 0.39
N CYS B 7 13.37 15.32 0.69
CA CYS B 7 13.50 14.24 -0.28
C CYS B 7 12.61 14.51 -1.48
N LEU B 8 13.21 14.58 -2.65
CA LEU B 8 12.40 14.85 -3.82
C LEU B 8 11.47 13.71 -4.19
N VAL B 9 11.55 12.56 -3.54
CA VAL B 9 10.63 11.46 -3.84
C VAL B 9 9.44 11.46 -2.90
N CYS B 10 9.65 11.67 -1.58
CA CYS B 10 8.58 11.56 -0.61
C CYS B 10 8.34 12.79 0.27
N SER B 11 9.25 13.74 0.32
CA SER B 11 9.16 15.02 1.03
C SER B 11 9.51 14.88 2.51
N ASP B 12 9.80 13.68 2.98
CA ASP B 12 10.51 13.50 4.23
C ASP B 12 11.82 14.32 4.22
N GLU B 13 12.55 14.25 5.33
CA GLU B 13 13.80 14.99 5.52
C GLU B 13 14.92 14.36 4.70
N ALA B 14 15.50 15.10 3.77
CA ALA B 14 16.52 14.50 2.93
C ALA B 14 17.75 14.15 3.77
N SER B 15 18.41 13.08 3.34
CA SER B 15 19.67 12.62 3.93
C SER B 15 20.88 13.11 3.15
N GLY B 16 20.81 13.08 1.83
CA GLY B 16 21.94 13.50 1.01
C GLY B 16 21.61 13.32 -0.45
N CYS B 17 22.65 13.45 -1.29
CA CYS B 17 22.49 13.30 -2.75
C CYS B 17 22.81 11.86 -3.08
N HIS B 18 21.77 11.05 -3.24
CA HIS B 18 21.91 9.61 -3.29
C HIS B 18 21.50 9.14 -4.67
N TYR B 19 22.41 8.47 -5.37
CA TYR B 19 22.14 7.91 -6.69
C TYR B 19 21.62 8.98 -7.61
N GLY B 20 22.10 10.19 -7.41
CA GLY B 20 21.82 11.29 -8.28
C GLY B 20 20.85 12.30 -7.73
N VAL B 21 20.04 11.93 -6.75
CA VAL B 21 18.92 12.77 -6.33
C VAL B 21 18.97 13.04 -4.83
N LEU B 22 18.58 14.23 -4.44
CA LEU B 22 18.38 14.53 -3.04
C LEU B 22 17.22 13.68 -2.53
N THR B 23 17.50 12.75 -1.61
CA THR B 23 16.51 11.83 -1.09
C THR B 23 16.81 11.50 0.35
N CYS B 24 15.82 10.89 1.00
CA CYS B 24 15.97 10.44 2.38
C CYS B 24 16.63 9.09 2.38
N GLY B 25 17.01 8.64 3.57
CA GLY B 25 17.58 7.31 3.71
C GLY B 25 16.63 6.21 3.27
N SER B 26 15.36 6.30 3.63
CA SER B 26 14.48 5.18 3.33
C SER B 26 14.27 5.06 1.83
N CYS B 27 14.16 6.20 1.14
CA CYS B 27 14.02 6.16 -0.33
C CYS B 27 15.32 5.73 -1.00
N LYS B 28 16.46 6.07 -0.42
CA LYS B 28 17.74 5.63 -0.96
C LYS B 28 17.80 4.11 -0.94
N VAL B 29 17.57 3.54 0.23
CA VAL B 29 17.61 2.09 0.38
C VAL B 29 16.53 1.45 -0.46
N PHE B 30 15.39 2.12 -0.57
CA PHE B 30 14.27 1.55 -1.32
C PHE B 30 14.66 1.37 -2.77
N PHE B 31 15.21 2.44 -3.36
CA PHE B 31 15.58 2.43 -4.77
C PHE B 31 16.62 1.37 -5.05
N LYS B 32 17.70 1.35 -4.28
CA LYS B 32 18.71 0.32 -4.46
C LYS B 32 18.07 -1.05 -4.46
N ARG B 33 17.17 -1.28 -3.52
CA ARG B 33 16.50 -2.57 -3.43
C ARG B 33 15.63 -2.82 -4.64
N ALA B 34 14.89 -1.82 -5.11
CA ALA B 34 13.99 -2.08 -6.23
C ALA B 34 14.78 -2.48 -7.47
N VAL B 35 15.77 -1.67 -7.85
CA VAL B 35 16.54 -1.97 -9.06
C VAL B 35 17.16 -3.35 -8.94
N GLU B 36 17.98 -3.53 -7.91
CA GLU B 36 18.82 -4.70 -7.70
C GLU B 36 18.01 -5.92 -7.27
N GLY B 37 16.89 -6.18 -7.93
CA GLY B 37 16.01 -7.22 -7.47
C GLY B 37 14.83 -7.46 -8.37
N GLN B 38 14.45 -8.73 -8.46
CA GLN B 38 13.24 -9.16 -9.13
C GLN B 38 12.07 -8.56 -8.36
N HIS B 39 11.65 -7.35 -8.75
CA HIS B 39 10.59 -6.61 -8.05
C HIS B 39 9.48 -6.24 -9.02
N ASN B 40 8.38 -6.99 -8.95
CA ASN B 40 7.21 -6.84 -9.81
C ASN B 40 6.08 -6.24 -8.97
N TYR B 41 6.10 -4.92 -8.87
CA TYR B 41 5.19 -4.17 -8.05
C TYR B 41 3.96 -3.78 -8.86
N LEU B 42 2.80 -3.75 -8.18
CA LEU B 42 1.51 -3.50 -8.85
C LEU B 42 0.75 -2.41 -8.10
N CYS B 43 0.41 -1.34 -8.81
CA CYS B 43 -0.38 -0.25 -8.27
C CYS B 43 -1.85 -0.67 -8.19
N ALA B 44 -2.51 -0.40 -7.04
CA ALA B 44 -3.94 -0.63 -6.85
C ALA B 44 -4.83 0.50 -7.35
N GLY B 45 -4.25 1.60 -7.81
CA GLY B 45 -5.05 2.71 -8.33
C GLY B 45 -4.87 2.92 -9.81
N ARG B 46 -4.10 3.95 -10.14
CA ARG B 46 -4.05 4.44 -11.51
C ARG B 46 -2.61 4.78 -11.92
N ASN B 47 -1.64 4.12 -11.29
CA ASN B 47 -0.23 4.40 -11.51
C ASN B 47 0.06 5.89 -11.30
N ASP B 48 -0.68 6.52 -10.40
CA ASP B 48 -0.54 7.94 -10.06
C ASP B 48 -0.72 8.23 -8.57
N CYS B 49 -0.17 7.38 -7.70
CA CYS B 49 -0.40 7.55 -6.28
C CYS B 49 0.40 8.71 -5.69
N ILE B 50 -0.08 9.20 -4.57
CA ILE B 50 0.62 10.20 -3.81
C ILE B 50 1.70 9.55 -2.95
N ILE B 51 2.91 10.08 -3.02
CA ILE B 51 4.09 9.55 -2.34
C ILE B 51 4.53 10.65 -1.38
N ASP B 52 4.14 10.52 -0.11
CA ASP B 52 4.65 11.29 1.00
C ASP B 52 5.15 10.35 2.09
N LYS B 53 5.48 10.91 3.24
CA LYS B 53 6.18 10.13 4.25
C LYS B 53 5.37 8.92 4.70
N ILE B 54 4.04 9.03 4.76
CA ILE B 54 3.21 7.89 5.15
C ILE B 54 2.83 7.05 3.94
N ARG B 55 2.31 7.70 2.90
CA ARG B 55 1.74 6.94 1.79
C ARG B 55 2.79 6.19 0.98
N ARG B 56 4.05 6.63 1.02
CA ARG B 56 5.11 5.98 0.25
C ARG B 56 5.13 4.47 0.46
N LYS B 57 4.84 4.01 1.66
CA LYS B 57 4.77 2.58 1.93
C LYS B 57 3.65 1.91 1.14
N ASN B 58 2.61 2.66 0.79
CA ASN B 58 1.41 2.04 0.22
C ASN B 58 1.65 1.47 -1.17
N CYS B 59 2.43 2.15 -2.02
CA CYS B 59 2.52 1.81 -3.44
C CYS B 59 3.98 1.87 -3.87
N PRO B 60 4.74 0.80 -3.64
CA PRO B 60 6.10 0.76 -4.16
C PRO B 60 6.18 0.93 -5.65
N ALA B 61 5.15 0.55 -6.39
CA ALA B 61 5.20 0.75 -7.84
C ALA B 61 5.31 2.24 -8.15
N CYS B 62 4.45 3.04 -7.57
CA CYS B 62 4.48 4.46 -7.86
C CYS B 62 5.69 5.15 -7.20
N ARG B 63 6.14 4.67 -6.04
CA ARG B 63 7.34 5.23 -5.42
C ARG B 63 8.58 4.98 -6.27
N TYR B 64 8.73 3.76 -6.79
CA TYR B 64 9.83 3.46 -7.70
C TYR B 64 9.74 4.27 -8.99
N ARG B 65 8.58 4.26 -9.65
CA ARG B 65 8.41 5.11 -10.82
C ARG B 65 8.88 6.52 -10.52
N LYS B 66 8.47 7.03 -9.37
CA LYS B 66 8.81 8.40 -9.04
C LYS B 66 10.31 8.54 -8.76
N CYS B 67 10.93 7.51 -8.17
CA CYS B 67 12.37 7.50 -8.04
C CYS B 67 13.03 7.68 -9.40
N LEU B 68 12.48 7.01 -10.41
CA LEU B 68 13.14 7.01 -11.72
C LEU B 68 12.94 8.34 -12.43
N GLN B 69 11.70 8.74 -12.60
CA GLN B 69 11.37 10.05 -13.14
C GLN B 69 12.13 11.17 -12.42
N ALA B 70 12.42 11.00 -11.14
CA ALA B 70 13.28 11.95 -10.46
C ALA B 70 14.74 11.80 -10.86
N GLY B 71 15.11 10.73 -11.56
CA GLY B 71 16.44 10.61 -12.10
C GLY B 71 17.37 9.68 -11.36
N MET B 72 16.92 9.07 -10.29
CA MET B 72 17.78 8.12 -9.61
C MET B 72 18.31 7.09 -10.61
N ASN B 73 19.52 6.62 -10.33
CA ASN B 73 20.24 5.68 -11.17
C ASN B 73 21.42 5.17 -10.37
N LEU B 74 21.75 3.89 -10.49
CA LEU B 74 22.84 3.33 -9.68
C LEU B 74 24.21 3.72 -10.18
N GLU B 75 24.31 4.28 -11.39
CA GLU B 75 25.58 4.72 -11.96
C GLU B 75 25.64 6.25 -11.93
N ALA B 76 26.73 6.79 -11.37
CA ALA B 76 26.87 8.25 -11.25
C ALA B 76 27.57 8.83 -12.48
ZN ZN E . -10.65 -11.07 1.88
ZN ZN F . -6.91 3.43 -1.38
ZN ZN G . 12.03 9.87 0.68
ZN ZN H . 0.17 3.52 -7.19
#